data_4IVR
#
_entry.id   4IVR
#
_cell.length_a   113.042
_cell.length_b   115.127
_cell.length_c   108.075
_cell.angle_alpha   90.00
_cell.angle_beta   90.00
_cell.angle_gamma   90.00
#
_symmetry.space_group_name_H-M   'C 2 2 21'
#
loop_
_entity.id
_entity.type
_entity.pdbx_description
1 polymer 'Thymidine kinase'
2 non-polymer 2-[(2,6-dimethoxy-5-methylpyrimidin-4-yl)methylidene]propane-1,3-diol
3 non-polymer 'SULFATE ION'
4 water water
#
_entity_poly.entity_id   1
_entity_poly.type   'polypeptide(L)'
_entity_poly.pdbx_seq_one_letter_code
;MPTLLRVYIDGPHGMGKTTTTQLLVALGSRDDIVYVPEPMTYWRVLGASETIANIYTTQHRLDQGEISAGDAAVVMTSAQ
ITMGMPYAVTDAVLAPHIGGEAGSSHAPPPALTLIFDRHPIAALLCYPAARYLMGSMTPQAVLAFVALIPPTLPGTNIVL
GALPEDRHIDRLAKRQRPGERLDLAMLAAIRRVYGLLANTVRYLQCGGSWREDWGQLSGTAVPPQGAEPQSNAGPRPHIG
DTLFTLFRAPELLAPNGDLYNVFAWALDVLAKRLRSMHVFILDYDQSPAGCRDALLQLTSGMVQTHVTTPGSIPTICDLA
RTFAREMGEAN
;
_entity_poly.pdbx_strand_id   A,B
#
# COMPACT_ATOMS: atom_id res chain seq x y z
N MET A 1 9.78 -16.48 -27.29
CA MET A 1 9.26 -15.74 -26.14
C MET A 1 7.72 -15.71 -26.09
N PRO A 2 7.13 -16.58 -25.24
CA PRO A 2 5.68 -16.71 -25.05
C PRO A 2 5.02 -15.43 -24.57
N THR A 3 3.70 -15.33 -24.73
CA THR A 3 2.99 -14.11 -24.38
C THR A 3 1.83 -14.34 -23.42
N LEU A 4 1.41 -13.24 -22.77
CA LEU A 4 0.45 -13.30 -21.68
C LEU A 4 -0.61 -12.23 -21.85
N LEU A 5 -1.87 -12.59 -21.60
CA LEU A 5 -2.92 -11.60 -21.59
C LEU A 5 -3.56 -11.60 -20.21
N ARG A 6 -3.62 -10.42 -19.61
CA ARG A 6 -4.23 -10.27 -18.31
C ARG A 6 -5.45 -9.40 -18.45
N VAL A 7 -6.55 -9.81 -17.84
CA VAL A 7 -7.76 -9.01 -17.92
C VAL A 7 -8.40 -8.90 -16.56
N TYR A 8 -8.62 -7.67 -16.11
CA TYR A 8 -9.25 -7.44 -14.81
C TYR A 8 -10.69 -7.00 -15.00
N ILE A 9 -11.63 -7.86 -14.58
CA ILE A 9 -13.05 -7.53 -14.63
C ILE A 9 -13.44 -6.78 -13.37
N ASP A 10 -13.85 -5.52 -13.52
CA ASP A 10 -14.07 -4.68 -12.34
C ASP A 10 -15.34 -3.86 -12.46
N GLY A 11 -15.52 -2.89 -11.57
CA GLY A 11 -16.71 -2.06 -11.59
C GLY A 11 -17.61 -2.41 -10.44
N PRO A 12 -18.77 -1.76 -10.36
CA PRO A 12 -19.71 -1.97 -9.25
C PRO A 12 -20.21 -3.42 -9.12
N HIS A 13 -20.37 -3.86 -7.88
CA HIS A 13 -20.87 -5.21 -7.61
C HIS A 13 -22.34 -5.31 -8.01
N GLY A 14 -22.79 -6.53 -8.22
CA GLY A 14 -24.19 -6.77 -8.53
C GLY A 14 -24.56 -6.59 -9.99
N MET A 15 -23.58 -6.38 -10.87
CA MET A 15 -23.83 -6.32 -12.32
C MET A 15 -23.83 -7.69 -13.00
N GLY A 16 -23.01 -8.63 -12.51
CA GLY A 16 -22.91 -9.95 -13.10
C GLY A 16 -21.50 -10.34 -13.54
N LYS A 17 -20.54 -9.49 -13.19
CA LYS A 17 -19.12 -9.71 -13.49
C LYS A 17 -18.62 -11.12 -13.19
N THR A 18 -18.97 -11.63 -12.02
CA THR A 18 -18.48 -12.91 -11.55
C THR A 18 -18.94 -14.05 -12.45
N THR A 19 -20.25 -14.12 -12.66
CA THR A 19 -20.83 -15.10 -13.55
C THR A 19 -20.24 -15.06 -14.95
N THR A 20 -20.16 -13.84 -15.50
CA THR A 20 -19.72 -13.62 -16.88
C THR A 20 -18.31 -14.15 -17.06
N THR A 21 -17.47 -13.83 -16.09
CA THR A 21 -16.12 -14.34 -16.04
C THR A 21 -16.05 -15.86 -16.06
N GLN A 22 -16.74 -16.49 -15.12
CA GLN A 22 -16.80 -17.95 -15.02
C GLN A 22 -17.29 -18.53 -16.34
N LEU A 23 -18.29 -17.89 -16.93
CA LEU A 23 -18.81 -18.35 -18.22
C LEU A 23 -17.73 -18.33 -19.28
N LEU A 24 -16.82 -17.36 -19.19
CA LEU A 24 -15.78 -17.16 -20.19
C LEU A 24 -14.63 -18.13 -19.98
N VAL A 25 -14.23 -18.34 -18.74
CA VAL A 25 -13.21 -19.33 -18.40
C VAL A 25 -13.64 -20.72 -18.87
N ALA A 26 -14.93 -21.00 -18.74
CA ALA A 26 -15.49 -22.30 -19.10
C ALA A 26 -15.35 -22.64 -20.60
N LEU A 27 -15.39 -21.64 -21.46
CA LEU A 27 -15.24 -21.85 -22.91
C LEU A 27 -13.81 -22.19 -23.32
N GLY A 28 -12.86 -21.85 -22.46
CA GLY A 28 -11.46 -21.94 -22.83
C GLY A 28 -10.87 -23.29 -22.56
N SER A 29 -9.65 -23.50 -23.06
CA SER A 29 -8.94 -24.72 -22.79
C SER A 29 -8.44 -24.72 -21.35
N ARG A 30 -8.39 -25.91 -20.78
CA ARG A 30 -7.92 -26.16 -19.42
C ARG A 30 -6.61 -25.45 -19.08
N ASP A 31 -5.66 -25.53 -20.01
CA ASP A 31 -4.31 -25.06 -19.76
C ASP A 31 -3.88 -23.87 -20.65
N ASP A 32 -4.72 -22.84 -20.71
CA ASP A 32 -4.35 -21.61 -21.42
C ASP A 32 -5.21 -20.41 -20.99
N ILE A 33 -6.15 -20.65 -20.08
CA ILE A 33 -6.92 -19.58 -19.47
C ILE A 33 -7.29 -19.91 -18.03
N VAL A 34 -6.82 -19.08 -17.10
CA VAL A 34 -7.10 -19.32 -15.70
C VAL A 34 -7.81 -18.13 -15.06
N TYR A 35 -8.55 -18.42 -14.00
CA TYR A 35 -9.35 -17.47 -13.26
C TYR A 35 -8.72 -17.25 -11.88
N VAL A 36 -8.45 -15.99 -11.53
CA VAL A 36 -8.19 -15.57 -10.15
C VAL A 36 -9.51 -15.03 -9.58
N PRO A 37 -10.21 -15.86 -8.79
CA PRO A 37 -11.60 -15.54 -8.44
C PRO A 37 -11.73 -14.62 -7.24
N GLU A 38 -12.96 -14.23 -6.96
CA GLU A 38 -13.27 -13.40 -5.81
C GLU A 38 -12.91 -14.15 -4.53
N PRO A 39 -12.18 -13.49 -3.64
CA PRO A 39 -11.69 -14.19 -2.46
C PRO A 39 -12.65 -14.05 -1.28
N MET A 40 -13.88 -14.54 -1.44
CA MET A 40 -14.91 -14.44 -0.39
C MET A 40 -14.51 -15.16 0.89
N THR A 41 -13.78 -16.26 0.72
CA THR A 41 -13.25 -17.03 1.83
C THR A 41 -12.40 -16.18 2.76
N TYR A 42 -11.46 -15.42 2.18
CA TYR A 42 -10.63 -14.50 2.97
C TYR A 42 -11.55 -13.48 3.65
N TRP A 43 -12.55 -13.00 2.92
CA TRP A 43 -13.45 -11.99 3.46
C TRP A 43 -14.32 -12.45 4.64
N ARG A 44 -14.73 -13.71 4.64
CA ARG A 44 -15.71 -14.18 5.63
C ARG A 44 -15.05 -14.93 6.76
N VAL A 45 -13.91 -15.54 6.46
CA VAL A 45 -13.20 -16.36 7.44
C VAL A 45 -11.77 -15.88 7.67
N LEU A 46 -10.87 -16.28 6.78
CA LEU A 46 -9.43 -16.13 6.97
C LEU A 46 -8.95 -14.73 7.38
N GLY A 47 -9.45 -13.69 6.70
CA GLY A 47 -9.01 -12.32 6.94
C GLY A 47 -9.57 -11.77 8.23
N ALA A 48 -10.84 -12.08 8.49
CA ALA A 48 -11.58 -11.61 9.65
C ALA A 48 -12.99 -12.15 9.60
N SER A 49 -13.85 -11.65 10.48
CA SER A 49 -15.20 -12.18 10.62
C SER A 49 -16.24 -11.37 9.85
N GLU A 50 -16.69 -11.92 8.72
CA GLU A 50 -17.76 -11.34 7.92
C GLU A 50 -17.52 -9.86 7.66
N THR A 51 -16.46 -9.57 6.92
CA THR A 51 -16.04 -8.20 6.63
C THR A 51 -17.17 -7.42 5.95
N ILE A 52 -17.81 -8.06 4.96
CA ILE A 52 -18.94 -7.47 4.25
C ILE A 52 -20.01 -7.05 5.26
N ALA A 53 -20.39 -7.98 6.13
CA ALA A 53 -21.42 -7.72 7.13
C ALA A 53 -21.03 -6.55 8.04
N ASN A 54 -19.79 -6.55 8.51
CA ASN A 54 -19.30 -5.49 9.38
C ASN A 54 -19.41 -4.09 8.74
N ILE A 55 -19.09 -4.00 7.45
CA ILE A 55 -19.10 -2.73 6.73
C ILE A 55 -20.50 -2.13 6.60
N TYR A 56 -21.47 -2.94 6.20
CA TYR A 56 -22.83 -2.44 5.98
C TYR A 56 -23.58 -2.14 7.29
N THR A 57 -23.20 -2.83 8.37
CA THR A 57 -23.80 -2.59 9.69
C THR A 57 -23.38 -1.22 10.21
N THR A 58 -22.12 -0.88 9.96
CA THR A 58 -21.53 0.34 10.48
C THR A 58 -22.00 1.57 9.72
N GLN A 59 -22.17 1.41 8.41
CA GLN A 59 -22.68 2.49 7.57
C GLN A 59 -24.10 2.82 7.99
N HIS A 60 -24.89 1.75 8.15
CA HIS A 60 -26.28 1.86 8.56
C HIS A 60 -26.37 2.56 9.92
N ARG A 61 -25.51 2.17 10.85
CA ARG A 61 -25.46 2.82 12.16
C ARG A 61 -25.10 4.31 12.06
N LEU A 62 -24.12 4.64 11.24
CA LEU A 62 -23.75 6.04 10.98
C LEU A 62 -24.91 6.87 10.45
N ASP A 63 -25.64 6.31 9.48
CA ASP A 63 -26.78 6.97 8.89
C ASP A 63 -27.87 7.17 9.94
N GLN A 64 -28.15 6.10 10.69
CA GLN A 64 -29.17 6.12 11.74
C GLN A 64 -28.84 7.09 12.89
N GLY A 65 -27.64 7.67 12.85
CA GLY A 65 -27.18 8.55 13.91
C GLY A 65 -26.83 7.81 15.19
N GLU A 66 -26.25 6.62 15.04
CA GLU A 66 -25.95 5.77 16.19
C GLU A 66 -24.46 5.78 16.55
N ILE A 67 -23.63 6.25 15.63
CA ILE A 67 -22.20 6.45 15.85
C ILE A 67 -21.80 7.71 15.11
N SER A 68 -20.61 8.24 15.36
CA SER A 68 -20.18 9.46 14.66
C SER A 68 -19.39 9.14 13.38
N ALA A 69 -19.02 10.18 12.65
CA ALA A 69 -18.26 10.00 11.42
C ALA A 69 -16.90 9.40 11.75
N GLY A 70 -16.21 10.01 12.71
CA GLY A 70 -14.89 9.58 13.14
C GLY A 70 -14.83 8.11 13.50
N ASP A 71 -15.90 7.60 14.10
CA ASP A 71 -15.97 6.19 14.51
C ASP A 71 -16.17 5.30 13.31
N ALA A 72 -17.13 5.69 12.48
CA ALA A 72 -17.41 4.95 11.25
C ALA A 72 -16.18 4.92 10.36
N ALA A 73 -15.43 6.02 10.36
CA ALA A 73 -14.24 6.14 9.52
C ALA A 73 -13.18 5.10 9.85
N VAL A 74 -12.92 4.88 11.14
CA VAL A 74 -11.86 3.95 11.51
C VAL A 74 -12.29 2.52 11.22
N VAL A 75 -13.58 2.24 11.37
CA VAL A 75 -14.06 0.91 11.07
C VAL A 75 -13.94 0.64 9.57
N MET A 76 -14.26 1.64 8.76
CA MET A 76 -14.25 1.45 7.32
C MET A 76 -12.83 1.31 6.79
N THR A 77 -11.91 2.01 7.41
CA THR A 77 -10.53 2.06 6.93
C THR A 77 -9.85 0.72 7.18
N SER A 78 -10.07 0.16 8.37
CA SER A 78 -9.60 -1.16 8.73
C SER A 78 -10.15 -2.26 7.83
N ALA A 79 -11.47 -2.30 7.71
CA ALA A 79 -12.12 -3.36 6.97
C ALA A 79 -11.68 -3.37 5.51
N GLN A 80 -11.47 -2.18 4.97
CA GLN A 80 -11.07 -2.06 3.56
C GLN A 80 -9.62 -2.46 3.28
N ILE A 81 -8.70 -2.08 4.16
CA ILE A 81 -7.35 -2.62 4.10
C ILE A 81 -7.38 -4.13 3.98
N THR A 82 -8.19 -4.75 4.85
CA THR A 82 -8.44 -6.19 4.84
C THR A 82 -9.08 -6.70 3.54
N MET A 83 -10.13 -6.02 3.08
CA MET A 83 -10.81 -6.42 1.84
C MET A 83 -9.84 -6.56 0.67
N GLY A 84 -8.79 -5.73 0.66
CA GLY A 84 -7.95 -5.58 -0.52
C GLY A 84 -6.67 -6.38 -0.56
N MET A 85 -6.33 -6.98 0.59
CA MET A 85 -5.07 -7.72 0.77
C MET A 85 -4.79 -8.81 -0.28
N PRO A 86 -5.80 -9.63 -0.63
CA PRO A 86 -5.52 -10.63 -1.68
C PRO A 86 -5.18 -10.04 -3.07
N TYR A 87 -5.83 -8.96 -3.47
CA TYR A 87 -5.49 -8.33 -4.76
C TYR A 87 -4.06 -7.86 -4.72
N ALA A 88 -3.66 -7.32 -3.56
CA ALA A 88 -2.35 -6.70 -3.41
C ALA A 88 -1.21 -7.73 -3.42
N VAL A 89 -1.37 -8.84 -2.72
CA VAL A 89 -0.33 -9.87 -2.76
C VAL A 89 -0.19 -10.47 -4.15
N THR A 90 -1.33 -10.78 -4.77
CA THR A 90 -1.37 -11.31 -6.14
C THR A 90 -0.60 -10.46 -7.12
N ASP A 91 -0.90 -9.16 -7.12
CA ASP A 91 -0.15 -8.24 -7.96
C ASP A 91 1.34 -8.30 -7.66
N ALA A 92 1.69 -8.46 -6.38
CA ALA A 92 3.09 -8.39 -5.97
C ALA A 92 3.89 -9.62 -6.37
N VAL A 93 3.32 -10.82 -6.25
CA VAL A 93 4.05 -12.02 -6.64
C VAL A 93 4.10 -12.19 -8.17
N LEU A 94 3.15 -11.56 -8.85
CA LEU A 94 3.05 -11.66 -10.31
C LEU A 94 3.97 -10.68 -11.03
N ALA A 95 4.09 -9.47 -10.47
CA ALA A 95 4.88 -8.39 -11.06
C ALA A 95 6.21 -8.80 -11.71
N PRO A 96 7.08 -9.56 -11.00
CA PRO A 96 8.34 -9.91 -11.66
C PRO A 96 8.17 -10.72 -12.96
N HIS A 97 7.05 -11.42 -13.11
CA HIS A 97 6.87 -12.28 -14.28
C HIS A 97 6.38 -11.55 -15.51
N ILE A 98 6.09 -10.26 -15.37
CA ILE A 98 5.51 -9.51 -16.48
C ILE A 98 6.59 -8.73 -17.23
N GLY A 99 6.58 -8.83 -18.56
CA GLY A 99 7.58 -8.16 -19.38
C GLY A 99 7.07 -6.93 -20.08
N GLY A 100 7.54 -6.71 -21.31
CA GLY A 100 7.08 -5.58 -22.10
C GLY A 100 5.82 -5.92 -22.89
N GLU A 101 5.08 -4.88 -23.27
CA GLU A 101 3.89 -5.05 -24.11
C GLU A 101 4.23 -5.71 -25.45
N ALA A 102 3.38 -6.65 -25.86
CA ALA A 102 3.60 -7.40 -27.08
C ALA A 102 2.45 -7.24 -28.06
N PRO A 108 -1.91 -12.60 -33.05
CA PRO A 108 -1.09 -13.64 -32.43
C PRO A 108 -1.63 -14.05 -31.04
N PRO A 109 -2.06 -15.32 -30.90
CA PRO A 109 -2.73 -15.82 -29.70
C PRO A 109 -1.81 -15.97 -28.48
N PRO A 110 -2.21 -15.39 -27.34
CA PRO A 110 -1.47 -15.48 -26.07
C PRO A 110 -1.29 -16.92 -25.59
N ALA A 111 -0.08 -17.24 -25.13
CA ALA A 111 0.22 -18.55 -24.58
C ALA A 111 -0.53 -18.80 -23.28
N LEU A 112 -1.01 -17.73 -22.66
CA LEU A 112 -1.78 -17.83 -21.42
C LEU A 112 -2.62 -16.57 -21.20
N THR A 113 -3.88 -16.79 -20.84
CA THR A 113 -4.77 -15.69 -20.48
C THR A 113 -5.10 -15.76 -19.00
N LEU A 114 -5.00 -14.62 -18.34
CA LEU A 114 -5.24 -14.52 -16.91
C LEU A 114 -6.43 -13.60 -16.68
N ILE A 115 -7.53 -14.15 -16.16
CA ILE A 115 -8.68 -13.32 -15.80
C ILE A 115 -8.77 -13.10 -14.31
N PHE A 116 -8.94 -11.84 -13.91
CA PHE A 116 -9.05 -11.49 -12.50
C PHE A 116 -10.45 -11.00 -12.15
N ASP A 117 -10.91 -11.37 -10.97
CA ASP A 117 -12.08 -10.74 -10.39
C ASP A 117 -11.56 -9.54 -9.63
N ARG A 118 -11.76 -8.35 -10.20
CA ARG A 118 -11.30 -7.07 -9.67
C ARG A 118 -9.80 -6.79 -9.81
N HIS A 119 -9.46 -5.52 -9.67
CA HIS A 119 -8.08 -5.05 -9.72
C HIS A 119 -7.81 -4.28 -8.40
N PRO A 120 -6.55 -4.26 -7.93
CA PRO A 120 -6.18 -3.56 -6.69
C PRO A 120 -6.82 -2.19 -6.48
N ILE A 121 -7.09 -1.43 -7.55
CA ILE A 121 -7.74 -0.11 -7.38
C ILE A 121 -9.17 -0.20 -6.88
N ALA A 122 -9.78 -1.37 -7.04
CA ALA A 122 -11.12 -1.58 -6.48
C ALA A 122 -11.13 -1.27 -4.98
N ALA A 123 -10.14 -1.81 -4.27
CA ALA A 123 -10.10 -1.72 -2.81
C ALA A 123 -9.22 -0.59 -2.31
N LEU A 124 -8.29 -0.13 -3.14
CA LEU A 124 -7.37 0.94 -2.75
C LEU A 124 -7.81 2.31 -3.25
N LEU A 125 -8.91 2.35 -3.99
CA LEU A 125 -9.37 3.61 -4.60
C LEU A 125 -10.87 3.70 -4.70
N CYS A 126 -11.48 2.77 -5.43
CA CYS A 126 -12.88 2.89 -5.80
C CYS A 126 -13.87 2.80 -4.65
N TYR A 127 -13.87 1.69 -3.94
CA TYR A 127 -14.73 1.57 -2.76
C TYR A 127 -14.41 2.59 -1.65
N PRO A 128 -13.12 2.82 -1.35
CA PRO A 128 -12.81 3.91 -0.41
C PRO A 128 -13.48 5.22 -0.81
N ALA A 129 -13.29 5.61 -2.07
CA ALA A 129 -13.82 6.86 -2.57
C ALA A 129 -15.34 6.90 -2.37
N ALA A 130 -16.00 5.79 -2.65
CA ALA A 130 -17.45 5.70 -2.45
C ALA A 130 -17.86 5.86 -0.97
N ARG A 131 -17.05 5.34 -0.06
CA ARG A 131 -17.36 5.44 1.36
C ARG A 131 -17.20 6.88 1.82
N TYR A 132 -16.21 7.56 1.27
CA TYR A 132 -16.04 8.97 1.50
C TYR A 132 -17.28 9.76 1.04
N LEU A 133 -17.81 9.42 -0.13
CA LEU A 133 -19.02 10.07 -0.60
C LEU A 133 -20.17 9.81 0.37
N MET A 134 -20.18 8.63 0.98
CA MET A 134 -21.17 8.24 1.97
C MET A 134 -20.93 8.83 3.36
N GLY A 135 -19.84 9.57 3.52
CA GLY A 135 -19.55 10.23 4.78
C GLY A 135 -18.95 9.30 5.82
N SER A 136 -18.48 8.14 5.39
CA SER A 136 -17.97 7.14 6.32
C SER A 136 -16.46 6.91 6.19
N MET A 137 -15.79 7.80 5.44
CA MET A 137 -14.34 7.78 5.33
C MET A 137 -13.78 9.14 4.97
N THR A 138 -12.64 9.49 5.57
CA THR A 138 -11.99 10.78 5.34
C THR A 138 -11.30 10.78 3.98
N PRO A 139 -11.13 11.97 3.38
CA PRO A 139 -10.39 12.01 2.10
C PRO A 139 -8.89 11.73 2.27
N GLN A 140 -8.32 12.07 3.44
CA GLN A 140 -6.91 11.79 3.72
C GLN A 140 -6.62 10.31 3.67
N ALA A 141 -7.50 9.54 4.30
CA ALA A 141 -7.36 8.10 4.30
C ALA A 141 -7.55 7.54 2.88
N VAL A 142 -8.50 8.10 2.13
CA VAL A 142 -8.71 7.67 0.75
C VAL A 142 -7.42 7.84 -0.03
N LEU A 143 -6.79 9.01 0.16
CA LEU A 143 -5.51 9.31 -0.48
C LEU A 143 -4.33 8.44 0.03
N ALA A 144 -4.33 8.08 1.32
CA ALA A 144 -3.32 7.15 1.82
C ALA A 144 -3.44 5.80 1.09
N PHE A 145 -4.67 5.33 0.92
CA PHE A 145 -4.89 4.17 0.05
C PHE A 145 -4.37 4.45 -1.38
N VAL A 146 -4.69 5.63 -1.92
CA VAL A 146 -4.24 5.97 -3.27
C VAL A 146 -2.72 5.88 -3.38
N ALA A 147 -2.03 6.39 -2.36
CA ALA A 147 -0.58 6.38 -2.37
C ALA A 147 0.04 5.00 -2.35
N LEU A 148 -0.73 4.00 -1.95
CA LEU A 148 -0.24 2.63 -1.90
C LEU A 148 -0.64 1.77 -3.10
N ILE A 149 -1.24 2.38 -4.11
CA ILE A 149 -1.55 1.64 -5.33
C ILE A 149 -0.23 1.14 -5.90
N PRO A 150 -0.15 -0.16 -6.19
CA PRO A 150 1.11 -0.65 -6.76
C PRO A 150 1.31 -0.13 -8.18
N PRO A 151 2.56 -0.11 -8.66
CA PRO A 151 2.89 0.30 -10.02
C PRO A 151 2.04 -0.46 -11.04
N THR A 152 1.51 0.27 -12.04
CA THR A 152 0.72 -0.35 -13.09
C THR A 152 1.68 -1.08 -14.04
N LEU A 153 1.52 -2.39 -14.10
CA LEU A 153 2.36 -3.21 -14.96
C LEU A 153 1.93 -3.04 -16.42
N PRO A 154 2.81 -3.42 -17.37
CA PRO A 154 2.43 -3.36 -18.79
C PRO A 154 1.24 -4.26 -19.08
N GLY A 155 0.32 -3.78 -19.91
CA GLY A 155 -0.77 -4.61 -20.37
C GLY A 155 -1.83 -4.80 -19.30
N THR A 156 -2.17 -3.70 -18.65
CA THR A 156 -3.21 -3.74 -17.65
C THR A 156 -4.55 -3.41 -18.30
N ASN A 157 -5.25 -4.47 -18.68
CA ASN A 157 -6.58 -4.33 -19.27
C ASN A 157 -7.66 -4.42 -18.21
N ILE A 158 -8.40 -3.33 -18.03
CA ILE A 158 -9.45 -3.32 -17.03
C ILE A 158 -10.83 -3.14 -17.67
N VAL A 159 -11.67 -4.15 -17.51
CA VAL A 159 -13.04 -4.10 -18.02
C VAL A 159 -14.01 -3.61 -16.96
N LEU A 160 -14.68 -2.49 -17.26
CA LEU A 160 -15.69 -1.95 -16.36
C LEU A 160 -17.09 -2.22 -16.92
N GLY A 161 -18.10 -2.14 -16.07
CA GLY A 161 -19.44 -2.48 -16.46
C GLY A 161 -20.31 -1.29 -16.78
N ALA A 162 -21.28 -1.49 -17.67
CA ALA A 162 -22.33 -0.52 -17.93
C ALA A 162 -23.67 -1.20 -17.69
N LEU A 163 -24.58 -0.50 -17.03
CA LEU A 163 -25.89 -1.04 -16.70
C LEU A 163 -26.79 0.09 -16.22
N PRO A 164 -28.01 0.17 -16.77
CA PRO A 164 -28.97 1.20 -16.35
C PRO A 164 -29.28 1.09 -14.86
N GLU A 165 -29.39 2.23 -14.18
CA GLU A 165 -29.58 2.25 -12.73
C GLU A 165 -30.81 1.46 -12.26
N ASP A 166 -31.93 1.65 -12.93
CA ASP A 166 -33.18 0.97 -12.59
C ASP A 166 -33.00 -0.54 -12.62
N ARG A 167 -32.29 -1.02 -13.64
CA ARG A 167 -32.05 -2.45 -13.81
C ARG A 167 -30.98 -2.92 -12.84
N HIS A 168 -29.99 -2.06 -12.61
CA HIS A 168 -28.97 -2.35 -11.61
C HIS A 168 -29.58 -2.49 -10.23
N ILE A 169 -30.57 -1.65 -9.92
CA ILE A 169 -31.19 -1.71 -8.60
C ILE A 169 -31.92 -3.03 -8.41
N ASP A 170 -32.67 -3.46 -9.42
CA ASP A 170 -33.42 -4.72 -9.36
C ASP A 170 -32.51 -5.95 -9.26
N ARG A 171 -31.44 -5.97 -10.04
CA ARG A 171 -30.53 -7.12 -10.07
C ARG A 171 -29.79 -7.27 -8.75
N LEU A 172 -29.35 -6.14 -8.17
CA LEU A 172 -28.67 -6.13 -6.89
C LEU A 172 -29.60 -6.54 -5.74
N ALA A 173 -30.85 -6.07 -5.78
CA ALA A 173 -31.84 -6.46 -4.77
C ALA A 173 -32.04 -7.98 -4.76
N LYS A 174 -31.63 -8.62 -5.85
CA LYS A 174 -31.58 -10.08 -5.90
C LYS A 174 -30.27 -10.56 -5.27
N PRO A 178 -22.14 -13.22 2.65
CA PRO A 178 -21.92 -11.77 2.49
C PRO A 178 -22.31 -10.99 3.74
N GLY A 179 -23.57 -10.60 3.82
CA GLY A 179 -24.07 -9.78 4.92
C GLY A 179 -24.47 -8.40 4.43
N GLU A 180 -24.65 -8.25 3.12
CA GLU A 180 -24.96 -6.96 2.52
C GLU A 180 -26.36 -6.47 2.92
N ARG A 181 -26.55 -5.15 2.90
CA ARG A 181 -27.86 -4.53 3.05
C ARG A 181 -28.15 -3.70 1.80
N LEU A 182 -29.43 -3.57 1.44
CA LEU A 182 -29.80 -2.76 0.27
C LEU A 182 -29.62 -1.26 0.55
N ASP A 183 -28.47 -0.75 0.12
CA ASP A 183 -28.08 0.62 0.37
C ASP A 183 -28.03 1.33 -0.98
N LEU A 184 -29.18 1.84 -1.40
CA LEU A 184 -29.31 2.54 -2.69
C LEU A 184 -28.34 3.71 -2.81
N ALA A 185 -28.08 4.37 -1.68
CA ALA A 185 -27.17 5.50 -1.65
C ALA A 185 -25.74 5.03 -1.93
N MET A 186 -25.39 3.86 -1.40
CA MET A 186 -24.08 3.28 -1.68
C MET A 186 -23.96 2.92 -3.15
N LEU A 187 -25.00 2.25 -3.66
CA LEU A 187 -25.03 1.82 -5.05
C LEU A 187 -24.83 3.03 -5.95
N ALA A 188 -25.51 4.11 -5.64
CA ALA A 188 -25.38 5.34 -6.41
C ALA A 188 -23.96 5.87 -6.34
N ALA A 189 -23.34 5.74 -5.17
CA ALA A 189 -22.01 6.29 -4.95
C ALA A 189 -20.94 5.49 -5.70
N ILE A 190 -21.00 4.16 -5.57
CA ILE A 190 -20.04 3.32 -6.27
C ILE A 190 -20.26 3.42 -7.80
N ARG A 191 -21.51 3.59 -8.23
CA ARG A 191 -21.78 3.81 -9.64
C ARG A 191 -21.13 5.10 -10.11
N ARG A 192 -21.30 6.17 -9.35
CA ARG A 192 -20.67 7.43 -9.73
C ARG A 192 -19.15 7.29 -9.79
N VAL A 193 -18.57 6.56 -8.83
CA VAL A 193 -17.12 6.46 -8.73
C VAL A 193 -16.50 5.77 -9.93
N TYR A 194 -17.01 4.60 -10.27
CA TYR A 194 -16.53 3.88 -11.45
C TYR A 194 -16.73 4.69 -12.73
N GLY A 195 -17.78 5.51 -12.76
CA GLY A 195 -17.98 6.45 -13.84
C GLY A 195 -16.87 7.49 -13.96
N LEU A 196 -16.52 8.11 -12.83
CA LEU A 196 -15.43 9.09 -12.84
C LEU A 196 -14.12 8.45 -13.25
N LEU A 197 -13.96 7.19 -12.84
CA LEU A 197 -12.72 6.46 -13.06
C LEU A 197 -12.46 6.26 -14.55
N ALA A 198 -13.47 5.77 -15.25
CA ALA A 198 -13.39 5.58 -16.70
C ALA A 198 -13.08 6.92 -17.40
N ASN A 199 -13.71 8.00 -16.94
CA ASN A 199 -13.39 9.34 -17.42
C ASN A 199 -11.94 9.73 -17.19
N THR A 200 -11.41 9.29 -16.05
CA THR A 200 -10.11 9.77 -15.59
C THR A 200 -9.01 9.20 -16.46
N VAL A 201 -9.15 7.93 -16.81
CA VAL A 201 -8.17 7.29 -17.67
C VAL A 201 -8.21 7.99 -19.02
N ARG A 202 -9.43 8.22 -19.51
CA ARG A 202 -9.61 8.91 -20.78
C ARG A 202 -9.02 10.30 -20.70
N TYR A 203 -9.34 11.03 -19.63
CA TYR A 203 -8.79 12.37 -19.41
C TYR A 203 -7.26 12.36 -19.46
N LEU A 204 -6.64 11.36 -18.83
CA LEU A 204 -5.18 11.30 -18.77
C LEU A 204 -4.56 10.86 -20.09
N GLN A 205 -5.22 9.95 -20.79
CA GLN A 205 -4.68 9.48 -22.07
C GLN A 205 -4.83 10.51 -23.18
N CYS A 206 -5.73 11.47 -22.99
CA CYS A 206 -5.83 12.61 -23.90
C CYS A 206 -4.94 13.76 -23.42
N GLY A 207 -3.85 13.41 -22.73
CA GLY A 207 -2.89 14.39 -22.25
C GLY A 207 -3.36 15.37 -21.19
N GLY A 208 -4.52 15.14 -20.60
CA GLY A 208 -5.01 15.99 -19.53
C GLY A 208 -4.05 16.03 -18.33
N SER A 209 -3.97 17.19 -17.67
CA SER A 209 -3.08 17.35 -16.53
C SER A 209 -3.81 18.08 -15.41
N TRP A 210 -3.97 17.39 -14.28
CA TRP A 210 -4.83 17.86 -13.22
C TRP A 210 -4.31 19.14 -12.60
N ARG A 211 -2.99 19.28 -12.61
CA ARG A 211 -2.39 20.48 -12.04
C ARG A 211 -2.78 21.71 -12.86
N GLU A 212 -2.65 21.61 -14.17
CA GLU A 212 -3.00 22.71 -15.07
C GLU A 212 -4.51 23.02 -15.08
N ASP A 213 -5.34 22.01 -14.80
CA ASP A 213 -6.80 22.22 -14.86
C ASP A 213 -7.45 22.35 -13.48
N TRP A 214 -6.64 22.40 -12.42
CA TRP A 214 -7.17 22.33 -11.06
C TRP A 214 -8.12 23.48 -10.77
N GLY A 215 -7.84 24.64 -11.36
CA GLY A 215 -8.65 25.82 -11.15
C GLY A 215 -10.02 25.74 -11.77
N GLN A 216 -10.16 24.86 -12.76
CA GLN A 216 -11.43 24.75 -13.47
C GLN A 216 -12.50 24.10 -12.59
N LEU A 217 -12.10 23.69 -11.38
CA LEU A 217 -13.00 23.06 -10.41
C LEU A 217 -13.51 24.07 -9.40
N SER A 218 -14.82 24.13 -9.24
CA SER A 218 -15.45 24.92 -8.18
C SER A 218 -16.95 24.62 -8.11
N GLY A 219 -17.75 25.67 -8.03
CA GLY A 219 -19.20 25.54 -7.91
C GLY A 219 -19.84 24.91 -9.14
N ASN A 232 -10.18 5.04 -23.83
CA ASN A 232 -10.34 4.07 -24.91
C ASN A 232 -11.13 4.64 -26.06
N ALA A 233 -12.24 5.31 -25.74
CA ALA A 233 -13.09 5.91 -26.77
C ALA A 233 -13.44 7.36 -26.44
N GLY A 234 -13.63 8.17 -27.48
CA GLY A 234 -14.15 9.52 -27.32
C GLY A 234 -13.16 10.65 -27.05
N PRO A 235 -13.70 11.84 -26.74
CA PRO A 235 -12.91 13.05 -26.56
C PRO A 235 -12.43 13.18 -25.10
N ARG A 236 -11.65 14.22 -24.79
CA ARG A 236 -11.15 14.44 -23.44
C ARG A 236 -12.24 15.01 -22.53
N PRO A 237 -12.54 14.30 -21.42
CA PRO A 237 -13.54 14.78 -20.47
C PRO A 237 -13.01 15.99 -19.72
N HIS A 238 -13.93 16.74 -19.13
CA HIS A 238 -13.63 17.85 -18.25
C HIS A 238 -13.10 17.33 -16.92
N ILE A 239 -12.09 18.00 -16.34
CA ILE A 239 -11.55 17.60 -15.02
C ILE A 239 -12.62 17.44 -13.94
N GLY A 240 -13.73 18.18 -14.05
CA GLY A 240 -14.86 18.05 -13.14
C GLY A 240 -15.57 16.72 -13.29
N ASP A 241 -15.24 16.00 -14.35
CA ASP A 241 -15.88 14.72 -14.64
C ASP A 241 -15.00 13.53 -14.30
N THR A 242 -13.89 13.80 -13.60
CA THR A 242 -12.95 12.76 -13.21
C THR A 242 -12.85 12.62 -11.70
N LEU A 243 -11.99 11.70 -11.26
CA LEU A 243 -11.84 11.42 -9.83
C LEU A 243 -11.23 12.61 -9.08
N PHE A 244 -10.47 13.42 -9.80
CA PHE A 244 -9.78 14.57 -9.20
C PHE A 244 -10.76 15.51 -8.55
N THR A 245 -11.99 15.51 -9.04
CA THR A 245 -13.02 16.41 -8.53
C THR A 245 -13.38 16.12 -7.07
N LEU A 246 -13.19 14.87 -6.63
CA LEU A 246 -13.55 14.46 -5.26
C LEU A 246 -12.69 15.10 -4.17
N PHE A 247 -11.44 15.39 -4.50
CA PHE A 247 -10.44 15.83 -3.54
C PHE A 247 -10.31 17.36 -3.47
N ARG A 248 -11.32 18.04 -3.99
CA ARG A 248 -11.46 19.47 -3.70
C ARG A 248 -12.35 19.51 -2.47
N ALA A 249 -11.78 19.09 -1.35
CA ALA A 249 -12.48 19.06 -0.06
C ALA A 249 -11.71 19.91 0.93
N PRO A 250 -12.42 20.65 1.80
CA PRO A 250 -11.77 21.62 2.70
C PRO A 250 -10.74 20.98 3.63
N GLU A 251 -10.89 19.68 3.94
CA GLU A 251 -9.92 18.97 4.77
C GLU A 251 -8.53 18.93 4.14
N LEU A 252 -8.50 18.99 2.81
CA LEU A 252 -7.27 18.82 2.06
C LEU A 252 -6.70 20.16 1.61
N LEU A 253 -7.43 21.24 1.86
CA LEU A 253 -7.02 22.56 1.39
C LEU A 253 -6.30 23.38 2.46
N ALA A 254 -5.15 23.93 2.07
CA ALA A 254 -4.43 24.90 2.88
C ALA A 254 -5.25 26.20 3.07
N PRO A 255 -4.76 27.15 3.89
CA PRO A 255 -5.47 28.43 4.00
C PRO A 255 -5.58 29.16 2.66
N ASN A 256 -4.46 29.26 1.94
CA ASN A 256 -4.45 29.94 0.64
C ASN A 256 -5.37 29.31 -0.41
N GLY A 257 -6.04 28.22 -0.02
CA GLY A 257 -7.05 27.59 -0.86
C GLY A 257 -6.51 26.46 -1.69
N ASP A 258 -5.19 26.36 -1.78
CA ASP A 258 -4.57 25.28 -2.55
C ASP A 258 -4.59 23.95 -1.81
N LEU A 259 -4.31 22.89 -2.54
CA LEU A 259 -4.07 21.59 -1.94
C LEU A 259 -2.75 21.65 -1.20
N TYR A 260 -2.72 21.11 0.02
CA TYR A 260 -1.45 20.81 0.64
C TYR A 260 -0.64 19.93 -0.32
N ASN A 261 0.65 20.17 -0.38
CA ASN A 261 1.53 19.42 -1.29
C ASN A 261 1.47 17.90 -1.14
N VAL A 262 1.29 17.42 0.08
CA VAL A 262 1.31 15.99 0.32
C VAL A 262 0.14 15.34 -0.39
N PHE A 263 -0.99 16.05 -0.43
CA PHE A 263 -2.17 15.53 -1.08
C PHE A 263 -2.02 15.66 -2.61
N ALA A 264 -1.42 16.77 -3.05
CA ALA A 264 -1.13 16.97 -4.48
C ALA A 264 -0.28 15.83 -5.03
N TRP A 265 0.72 15.44 -4.23
CA TRP A 265 1.61 14.35 -4.61
C TRP A 265 0.87 13.04 -4.76
N ALA A 266 -0.16 12.83 -3.94
CA ALA A 266 -0.95 11.60 -4.04
C ALA A 266 -1.86 11.65 -5.27
N LEU A 267 -2.32 12.84 -5.63
CA LEU A 267 -3.04 13.00 -6.89
C LEU A 267 -2.10 12.68 -8.04
N ASP A 268 -0.83 13.07 -7.91
CA ASP A 268 0.15 12.75 -8.95
C ASP A 268 0.29 11.25 -9.11
N VAL A 269 0.35 10.55 -7.99
CA VAL A 269 0.46 9.10 -8.01
C VAL A 269 -0.76 8.51 -8.71
N LEU A 270 -1.93 9.04 -8.39
CA LEU A 270 -3.16 8.62 -9.02
C LEU A 270 -3.04 8.71 -10.54
N ALA A 271 -2.60 9.88 -11.05
CA ALA A 271 -2.46 10.08 -12.50
C ALA A 271 -1.45 9.12 -13.08
N LYS A 272 -0.29 8.98 -12.45
CA LYS A 272 0.72 8.04 -12.93
C LYS A 272 0.16 6.62 -13.03
N ARG A 273 -0.65 6.20 -12.06
CA ARG A 273 -1.21 4.84 -12.03
C ARG A 273 -2.31 4.60 -13.07
N LEU A 274 -3.19 5.58 -13.24
CA LEU A 274 -4.33 5.40 -14.12
C LEU A 274 -3.99 5.58 -15.62
N ARG A 275 -3.15 6.57 -15.92
CA ARG A 275 -2.88 6.97 -17.30
C ARG A 275 -2.39 5.84 -18.20
N SER A 276 -1.80 4.80 -17.62
CA SER A 276 -1.21 3.76 -18.44
C SER A 276 -2.11 2.54 -18.55
N MET A 277 -3.34 2.67 -18.05
CA MET A 277 -4.33 1.58 -18.05
C MET A 277 -5.20 1.50 -19.31
N HIS A 278 -5.44 0.29 -19.82
CA HIS A 278 -6.33 0.11 -20.97
C HIS A 278 -7.75 -0.28 -20.53
N VAL A 279 -8.65 0.71 -20.51
CA VAL A 279 -10.01 0.54 -20.03
C VAL A 279 -10.94 0.08 -21.13
N PHE A 280 -11.73 -0.96 -20.83
CA PHE A 280 -12.78 -1.41 -21.77
C PHE A 280 -14.12 -1.40 -21.04
N ILE A 281 -15.19 -1.07 -21.76
CA ILE A 281 -16.51 -1.02 -21.16
C ILE A 281 -17.37 -2.19 -21.66
N LEU A 282 -17.99 -2.92 -20.73
CA LEU A 282 -18.79 -4.09 -21.07
C LEU A 282 -20.24 -3.81 -20.71
N ASP A 283 -21.15 -4.11 -21.61
CA ASP A 283 -22.57 -3.88 -21.39
C ASP A 283 -23.15 -5.07 -20.65
N TYR A 284 -23.69 -4.84 -19.46
CA TYR A 284 -24.27 -5.93 -18.68
C TYR A 284 -25.79 -5.99 -18.82
N ASP A 285 -26.37 -5.11 -19.63
CA ASP A 285 -27.81 -5.13 -19.83
C ASP A 285 -28.21 -6.18 -20.88
N GLN A 286 -27.87 -7.43 -20.59
CA GLN A 286 -28.16 -8.56 -21.47
C GLN A 286 -28.05 -9.87 -20.68
N SER A 287 -28.35 -10.98 -21.33
CA SER A 287 -28.28 -12.30 -20.70
C SER A 287 -26.84 -12.64 -20.30
N PRO A 288 -26.67 -13.66 -19.44
CA PRO A 288 -25.33 -14.09 -19.03
C PRO A 288 -24.44 -14.60 -20.17
N ALA A 289 -25.04 -15.34 -21.12
CA ALA A 289 -24.31 -15.78 -22.31
C ALA A 289 -23.96 -14.56 -23.20
N GLY A 290 -24.84 -13.57 -23.22
CA GLY A 290 -24.59 -12.34 -23.97
C GLY A 290 -23.34 -11.61 -23.48
N CYS A 291 -23.26 -11.39 -22.17
CA CYS A 291 -22.13 -10.69 -21.57
C CYS A 291 -20.84 -11.41 -21.87
N ARG A 292 -20.93 -12.72 -21.85
CA ARG A 292 -19.79 -13.60 -22.06
C ARG A 292 -19.21 -13.43 -23.46
N ASP A 293 -20.09 -13.47 -24.47
CA ASP A 293 -19.65 -13.35 -25.85
C ASP A 293 -19.23 -11.91 -26.17
N ALA A 294 -19.92 -10.96 -25.54
CA ALA A 294 -19.53 -9.56 -25.62
C ALA A 294 -18.10 -9.45 -25.12
N LEU A 295 -17.84 -10.04 -23.95
CA LEU A 295 -16.52 -9.97 -23.32
C LEU A 295 -15.44 -10.61 -24.19
N LEU A 296 -15.78 -11.76 -24.76
CA LEU A 296 -14.89 -12.49 -25.65
CA LEU A 296 -14.88 -12.47 -25.66
C LEU A 296 -14.45 -11.64 -26.85
N GLN A 297 -15.41 -10.99 -27.49
CA GLN A 297 -15.08 -10.15 -28.65
C GLN A 297 -14.17 -9.00 -28.19
N LEU A 298 -14.48 -8.47 -27.02
CA LEU A 298 -13.75 -7.36 -26.45
C LEU A 298 -12.29 -7.68 -26.17
N THR A 299 -11.94 -8.96 -25.98
CA THR A 299 -10.55 -9.29 -25.68
C THR A 299 -9.57 -9.11 -26.83
N SER A 300 -10.04 -9.31 -28.06
CA SER A 300 -9.15 -9.22 -29.23
C SER A 300 -8.47 -7.84 -29.41
N GLY A 301 -9.08 -6.80 -28.85
CA GLY A 301 -8.48 -5.47 -28.87
C GLY A 301 -7.69 -5.15 -27.60
N MET A 302 -7.28 -6.17 -26.86
CA MET A 302 -6.57 -5.95 -25.60
C MET A 302 -5.07 -6.16 -25.71
N VAL A 303 -4.32 -5.44 -24.89
CA VAL A 303 -2.87 -5.49 -24.98
C VAL A 303 -2.26 -6.67 -24.22
N GLN A 304 -1.46 -7.45 -24.92
CA GLN A 304 -0.75 -8.59 -24.34
C GLN A 304 0.68 -8.20 -23.99
N THR A 305 1.35 -9.04 -23.20
CA THR A 305 2.76 -8.82 -22.88
C THR A 305 3.59 -10.10 -22.99
N HIS A 306 4.90 -9.93 -23.13
CA HIS A 306 5.83 -11.05 -22.99
C HIS A 306 6.01 -11.37 -21.53
N VAL A 307 6.46 -12.58 -21.22
CA VAL A 307 6.84 -12.92 -19.87
C VAL A 307 8.36 -12.79 -19.76
N THR A 308 8.89 -12.90 -18.56
CA THR A 308 10.30 -12.62 -18.32
C THR A 308 11.21 -13.86 -18.42
N THR A 309 10.65 -15.04 -18.18
CA THR A 309 11.40 -16.29 -18.34
C THR A 309 10.54 -17.32 -19.08
N PRO A 310 11.12 -18.47 -19.48
CA PRO A 310 10.28 -19.48 -20.15
C PRO A 310 9.28 -20.10 -19.19
N GLY A 311 9.72 -20.31 -17.95
CA GLY A 311 8.91 -21.01 -16.97
C GLY A 311 7.95 -20.11 -16.21
N SER A 312 7.85 -18.85 -16.64
CA SER A 312 6.90 -17.93 -16.05
C SER A 312 5.47 -18.45 -16.22
N ILE A 313 5.18 -18.97 -17.41
CA ILE A 313 3.84 -19.42 -17.75
C ILE A 313 3.27 -20.49 -16.81
N PRO A 314 3.98 -21.63 -16.63
CA PRO A 314 3.42 -22.62 -15.70
C PRO A 314 3.46 -22.14 -14.25
N THR A 315 4.42 -21.27 -13.94
CA THR A 315 4.50 -20.70 -12.61
C THR A 315 3.28 -19.83 -12.35
N ILE A 316 2.99 -18.94 -13.30
CA ILE A 316 1.81 -18.09 -13.21
C ILE A 316 0.54 -18.94 -13.09
N CYS A 317 0.50 -20.03 -13.86
CA CYS A 317 -0.61 -20.96 -13.81
C CYS A 317 -0.82 -21.58 -12.42
N ASP A 318 0.26 -22.02 -11.79
CA ASP A 318 0.12 -22.63 -10.47
C ASP A 318 -0.44 -21.64 -9.46
N LEU A 319 0.06 -20.42 -9.51
CA LEU A 319 -0.34 -19.38 -8.55
C LEU A 319 -1.83 -19.10 -8.65
N ALA A 320 -2.33 -18.97 -9.88
CA ALA A 320 -3.74 -18.69 -10.09
C ALA A 320 -4.57 -19.88 -9.62
N ARG A 321 -4.09 -21.08 -9.94
CA ARG A 321 -4.81 -22.29 -9.55
C ARG A 321 -4.79 -22.44 -8.03
N THR A 322 -3.62 -22.21 -7.43
CA THR A 322 -3.46 -22.23 -5.98
C THR A 322 -4.47 -21.29 -5.31
N PHE A 323 -4.54 -20.08 -5.82
CA PHE A 323 -5.40 -19.02 -5.28
C PHE A 323 -6.88 -19.43 -5.29
N ALA A 324 -7.37 -19.89 -6.44
CA ALA A 324 -8.77 -20.26 -6.62
C ALA A 324 -9.22 -21.35 -5.65
N ARG A 325 -8.38 -22.38 -5.55
CA ARG A 325 -8.63 -23.50 -4.68
C ARG A 325 -8.84 -23.01 -3.25
N GLU A 326 -8.05 -22.02 -2.84
CA GLU A 326 -8.07 -21.61 -1.45
C GLU A 326 -9.12 -20.56 -1.12
N MET A 327 -9.37 -19.64 -2.06
CA MET A 327 -10.11 -18.42 -1.73
C MET A 327 -11.43 -18.19 -2.47
N GLY A 328 -11.59 -18.88 -3.60
CA GLY A 328 -12.81 -18.81 -4.39
C GLY A 328 -13.93 -19.53 -3.66
N GLU A 329 -15.16 -19.03 -3.83
CA GLU A 329 -16.31 -19.50 -3.06
C GLU A 329 -16.64 -20.99 -3.23
N MET B 1 24.55 9.85 -16.58
CA MET B 1 23.59 10.52 -15.70
C MET B 1 24.16 10.75 -14.31
N PRO B 2 23.78 11.85 -13.66
CA PRO B 2 24.36 12.13 -12.34
C PRO B 2 23.94 11.11 -11.26
N THR B 3 24.75 10.99 -10.22
CA THR B 3 24.55 9.95 -9.22
C THR B 3 23.84 10.47 -7.97
N LEU B 4 23.18 9.56 -7.27
CA LEU B 4 22.39 9.90 -6.10
C LEU B 4 22.67 8.90 -4.98
N LEU B 5 22.77 9.41 -3.76
CA LEU B 5 22.87 8.55 -2.58
C LEU B 5 21.65 8.75 -1.69
N ARG B 6 20.86 7.69 -1.53
CA ARG B 6 19.72 7.70 -0.62
C ARG B 6 20.08 7.00 0.68
N VAL B 7 19.79 7.66 1.79
CA VAL B 7 20.09 7.14 3.11
C VAL B 7 18.87 7.31 4.00
N TYR B 8 18.27 6.18 4.42
CA TYR B 8 17.10 6.19 5.27
C TYR B 8 17.52 5.96 6.72
N ILE B 9 17.32 6.96 7.58
CA ILE B 9 17.66 6.80 9.00
C ILE B 9 16.46 6.21 9.71
N ASP B 10 16.60 4.99 10.18
CA ASP B 10 15.45 4.29 10.71
C ASP B 10 15.79 3.66 12.07
N GLY B 11 15.15 2.54 12.40
CA GLY B 11 15.35 1.91 13.69
C GLY B 11 14.30 2.37 14.69
N PRO B 12 14.31 1.80 15.90
CA PRO B 12 13.35 2.22 16.92
C PRO B 12 13.52 3.71 17.25
N HIS B 13 12.42 4.41 17.54
CA HIS B 13 12.53 5.79 17.98
C HIS B 13 13.07 5.87 19.41
N GLY B 14 13.63 7.03 19.74
CA GLY B 14 14.06 7.32 21.09
C GLY B 14 15.55 7.06 21.31
N MET B 15 16.29 6.79 20.24
CA MET B 15 17.70 6.46 20.37
C MET B 15 18.65 7.63 20.17
N GLY B 16 18.19 8.63 19.42
CA GLY B 16 19.04 9.70 18.93
C GLY B 16 18.86 10.03 17.45
N LYS B 17 17.94 9.32 16.78
CA LYS B 17 17.75 9.38 15.32
C LYS B 17 17.66 10.79 14.69
N THR B 18 16.98 11.72 15.37
CA THR B 18 16.77 13.05 14.82
C THR B 18 17.93 14.02 15.08
N THR B 19 18.34 14.13 16.34
CA THR B 19 19.45 15.02 16.71
C THR B 19 20.70 14.73 15.89
N THR B 20 21.08 13.46 15.89
CA THR B 20 22.17 12.92 15.09
C THR B 20 22.17 13.42 13.64
N THR B 21 21.04 13.24 12.96
CA THR B 21 20.87 13.66 11.56
C THR B 21 21.05 15.16 11.36
N GLN B 22 20.46 15.95 12.26
CA GLN B 22 20.53 17.40 12.19
C GLN B 22 21.97 17.94 12.21
N LEU B 23 22.84 17.26 12.92
CA LEU B 23 24.25 17.62 12.97
C LEU B 23 24.96 17.31 11.65
N LEU B 24 24.47 16.29 10.95
CA LEU B 24 25.07 15.87 9.69
C LEU B 24 24.71 16.80 8.52
N VAL B 25 23.47 17.26 8.49
CA VAL B 25 23.05 18.20 7.45
C VAL B 25 23.75 19.52 7.67
N ALA B 26 24.14 19.77 8.92
CA ALA B 26 24.88 20.98 9.26
C ALA B 26 26.26 21.00 8.59
N LEU B 27 26.94 19.86 8.63
CA LEU B 27 28.29 19.74 8.05
C LEU B 27 28.29 19.93 6.53
N GLY B 28 27.54 19.08 5.81
CA GLY B 28 27.46 19.15 4.36
C GLY B 28 26.81 20.40 3.79
N SER B 29 27.09 20.68 2.52
CA SER B 29 26.57 21.89 1.89
C SER B 29 25.06 21.88 1.85
N ARG B 30 24.44 23.04 2.05
CA ARG B 30 22.98 23.15 2.03
C ARG B 30 22.40 22.71 0.68
N ASP B 31 23.24 22.73 -0.36
CA ASP B 31 22.83 22.33 -1.70
C ASP B 31 23.73 21.20 -2.21
N ASP B 32 23.95 20.20 -1.36
CA ASP B 32 24.78 19.04 -1.69
C ASP B 32 24.27 17.81 -0.93
N ILE B 33 23.56 18.09 0.16
CA ILE B 33 22.87 17.07 0.91
C ILE B 33 21.53 17.66 1.36
N VAL B 34 20.45 16.95 1.07
CA VAL B 34 19.13 17.40 1.51
C VAL B 34 18.53 16.40 2.50
N TYR B 35 17.57 16.87 3.28
CA TYR B 35 17.00 16.11 4.38
C TYR B 35 15.47 16.08 4.30
N VAL B 36 14.89 14.88 4.40
CA VAL B 36 13.45 14.74 4.49
C VAL B 36 13.11 14.40 5.93
N PRO B 37 12.58 15.38 6.66
CA PRO B 37 12.36 15.21 8.11
C PRO B 37 11.07 14.49 8.46
N GLU B 38 10.95 14.19 9.74
CA GLU B 38 9.75 13.64 10.35
C GLU B 38 8.53 14.51 10.06
N PRO B 39 7.45 13.89 9.54
CA PRO B 39 6.25 14.64 9.20
C PRO B 39 5.30 14.78 10.39
N MET B 40 5.78 15.41 11.48
CA MET B 40 4.97 15.57 12.69
C MET B 40 3.68 16.38 12.44
N THR B 41 3.76 17.40 11.59
CA THR B 41 2.58 18.21 11.23
C THR B 41 1.49 17.39 10.53
N TYR B 42 1.87 16.41 9.72
CA TYR B 42 0.88 15.52 9.14
C TYR B 42 0.26 14.66 10.26
N TRP B 43 1.08 14.08 11.09
CA TRP B 43 0.59 13.21 12.16
C TRP B 43 -0.33 13.95 13.15
N ARG B 44 0.02 15.19 13.47
CA ARG B 44 -0.74 15.96 14.45
C ARG B 44 -1.95 16.73 13.91
N VAL B 45 -1.89 17.17 12.65
CA VAL B 45 -2.92 18.06 12.10
C VAL B 45 -3.50 17.65 10.72
N LEU B 46 -2.65 17.60 9.71
CA LEU B 46 -3.12 17.40 8.33
C LEU B 46 -3.87 16.08 8.03
N GLY B 47 -3.32 14.96 8.48
CA GLY B 47 -3.92 13.68 8.13
C GLY B 47 -5.11 13.41 9.03
N ALA B 48 -4.95 13.79 10.29
CA ALA B 48 -5.92 13.55 11.33
C ALA B 48 -5.45 14.33 12.55
N SER B 49 -6.22 14.27 13.64
CA SER B 49 -5.91 15.07 14.80
C SER B 49 -5.16 14.29 15.86
N GLU B 50 -3.90 14.63 16.08
CA GLU B 50 -3.06 14.01 17.12
C GLU B 50 -3.06 12.47 17.03
N THR B 51 -2.47 11.96 15.96
CA THR B 51 -2.43 10.53 15.67
C THR B 51 -1.64 9.75 16.70
N ILE B 52 -0.51 10.32 17.12
CA ILE B 52 0.35 9.71 18.14
CA ILE B 52 0.33 9.67 18.11
C ILE B 52 -0.44 9.48 19.42
N ALA B 53 -1.09 10.54 19.89
CA ALA B 53 -1.92 10.51 21.10
C ALA B 53 -3.01 9.46 21.00
N ASN B 54 -3.60 9.34 19.83
CA ASN B 54 -4.65 8.37 19.58
C ASN B 54 -4.12 6.94 19.70
N ILE B 55 -2.94 6.71 19.15
CA ILE B 55 -2.29 5.41 19.21
C ILE B 55 -2.07 4.95 20.64
N TYR B 56 -1.42 5.79 21.44
CA TYR B 56 -1.02 5.44 22.80
C TYR B 56 -2.17 5.38 23.82
N THR B 57 -3.17 6.24 23.66
CA THR B 57 -4.36 6.23 24.49
C THR B 57 -5.06 4.88 24.31
N THR B 58 -5.12 4.46 23.05
CA THR B 58 -5.78 3.22 22.65
C THR B 58 -5.11 1.97 23.19
N GLN B 59 -3.79 1.91 23.12
CA GLN B 59 -3.08 0.80 23.72
C GLN B 59 -3.36 0.82 25.22
N HIS B 60 -3.28 2.00 25.82
CA HIS B 60 -3.49 2.16 27.24
C HIS B 60 -4.86 1.67 27.71
N ARG B 61 -5.90 2.08 27.01
CA ARG B 61 -7.25 1.62 27.30
C ARG B 61 -7.36 0.09 27.14
N LEU B 62 -6.73 -0.45 26.10
CA LEU B 62 -6.71 -1.91 25.95
C LEU B 62 -6.01 -2.56 27.14
N ASP B 63 -4.92 -1.94 27.60
CA ASP B 63 -4.19 -2.46 28.74
C ASP B 63 -5.04 -2.41 30.01
N GLN B 64 -5.70 -1.28 30.25
CA GLN B 64 -6.54 -1.11 31.44
C GLN B 64 -7.83 -1.92 31.36
N GLY B 65 -8.04 -2.63 30.25
CA GLY B 65 -9.24 -3.44 30.08
C GLY B 65 -10.49 -2.62 29.79
N GLU B 66 -10.28 -1.37 29.36
CA GLU B 66 -11.39 -0.47 29.09
C GLU B 66 -12.03 -0.70 27.71
N ILE B 67 -11.27 -1.27 26.77
CA ILE B 67 -11.83 -1.64 25.45
C ILE B 67 -11.36 -3.01 25.02
N SER B 68 -12.00 -3.54 23.98
CA SER B 68 -11.67 -4.88 23.53
C SER B 68 -10.48 -4.87 22.59
N ALA B 69 -9.81 -6.03 22.50
CA ALA B 69 -8.72 -6.20 21.56
C ALA B 69 -9.19 -5.94 20.12
N GLY B 70 -10.44 -6.30 19.83
CA GLY B 70 -11.03 -6.06 18.53
C GLY B 70 -11.14 -4.58 18.23
N ASP B 71 -11.70 -3.85 19.19
CA ASP B 71 -11.82 -2.40 19.09
C ASP B 71 -10.45 -1.73 18.94
N ALA B 72 -9.46 -2.23 19.68
CA ALA B 72 -8.11 -1.67 19.64
C ALA B 72 -7.49 -1.83 18.26
N ALA B 73 -7.64 -3.04 17.71
CA ALA B 73 -7.08 -3.39 16.41
C ALA B 73 -7.54 -2.48 15.26
N VAL B 74 -8.83 -2.12 15.24
CA VAL B 74 -9.35 -1.31 14.15
C VAL B 74 -8.82 0.11 14.22
N VAL B 75 -8.78 0.66 15.43
CA VAL B 75 -8.23 1.98 15.66
C VAL B 75 -6.77 1.97 15.29
N MET B 76 -6.06 0.94 15.75
CA MET B 76 -4.62 0.87 15.54
C MET B 76 -4.30 0.74 14.07
N THR B 77 -5.10 -0.05 13.37
CA THR B 77 -4.88 -0.25 11.95
C THR B 77 -5.08 1.07 11.22
N SER B 78 -6.20 1.73 11.54
CA SER B 78 -6.56 3.00 10.91
CA SER B 78 -6.58 3.00 10.95
C SER B 78 -5.50 4.06 11.16
N ALA B 79 -5.04 4.18 12.39
CA ALA B 79 -4.11 5.26 12.72
C ALA B 79 -2.75 5.06 12.08
N GLN B 80 -2.35 3.81 11.91
CA GLN B 80 -1.03 3.53 11.34
C GLN B 80 -0.98 3.79 9.83
N ILE B 81 -2.11 3.67 9.16
CA ILE B 81 -2.24 4.16 7.80
C ILE B 81 -1.88 5.66 7.77
N THR B 82 -2.51 6.42 8.66
CA THR B 82 -2.24 7.85 8.75
C THR B 82 -0.78 8.14 8.99
N MET B 83 -0.14 7.37 9.88
CA MET B 83 1.27 7.57 10.17
C MET B 83 2.16 7.33 8.95
N GLY B 84 1.76 6.41 8.08
CA GLY B 84 2.65 5.98 7.00
C GLY B 84 2.49 6.75 5.70
N MET B 85 1.37 7.45 5.57
CA MET B 85 0.99 8.15 4.33
C MET B 85 2.10 9.05 3.70
N PRO B 86 2.71 9.96 4.48
CA PRO B 86 3.78 10.76 3.88
C PRO B 86 4.97 9.92 3.39
N TYR B 87 5.35 8.87 4.12
CA TYR B 87 6.44 8.00 3.70
C TYR B 87 6.11 7.33 2.37
N ALA B 88 4.89 6.80 2.28
CA ALA B 88 4.43 6.12 1.08
C ALA B 88 4.31 7.07 -0.14
N VAL B 89 3.73 8.25 0.04
CA VAL B 89 3.61 9.21 -1.06
CA VAL B 89 3.61 9.22 -1.05
C VAL B 89 4.98 9.63 -1.59
N THR B 90 5.93 9.82 -0.67
CA THR B 90 7.27 10.24 -1.01
C THR B 90 7.98 9.22 -1.87
N ASP B 91 7.90 7.95 -1.46
CA ASP B 91 8.56 6.89 -2.20
C ASP B 91 7.98 6.81 -3.59
N ALA B 92 6.68 7.06 -3.68
CA ALA B 92 5.95 6.83 -4.93
C ALA B 92 6.33 7.87 -5.99
N VAL B 93 6.43 9.15 -5.58
CA VAL B 93 6.90 10.19 -6.49
C VAL B 93 8.42 10.15 -6.74
N LEU B 94 9.18 9.47 -5.88
CA LEU B 94 10.62 9.46 -6.08
C LEU B 94 11.06 8.35 -7.02
N ALA B 95 10.30 7.26 -7.03
CA ALA B 95 10.68 6.06 -7.77
C ALA B 95 11.11 6.23 -9.24
N PRO B 96 10.33 6.96 -10.05
CA PRO B 96 10.72 7.10 -11.46
C PRO B 96 12.04 7.87 -11.66
N HIS B 97 12.42 8.70 -10.69
CA HIS B 97 13.70 9.39 -10.77
C HIS B 97 14.88 8.49 -10.43
N ILE B 98 14.63 7.29 -9.90
CA ILE B 98 15.72 6.39 -9.51
C ILE B 98 16.12 5.45 -10.63
N GLY B 99 17.41 5.41 -10.94
CA GLY B 99 17.91 4.52 -11.99
C GLY B 99 18.65 3.33 -11.43
N GLY B 100 19.63 2.84 -12.20
CA GLY B 100 20.42 1.69 -11.78
C GLY B 100 21.61 2.06 -10.90
N GLU B 101 22.25 1.03 -10.36
CA GLU B 101 23.41 1.23 -9.50
C GLU B 101 24.56 1.91 -10.23
N ALA B 102 25.17 2.87 -9.54
CA ALA B 102 26.38 3.52 -10.03
C ALA B 102 27.50 2.49 -10.11
N PRO B 108 33.75 7.48 -5.87
CA PRO B 108 33.43 8.84 -6.35
C PRO B 108 32.21 9.41 -5.65
N PRO B 109 32.32 10.61 -5.06
CA PRO B 109 31.22 11.27 -4.32
C PRO B 109 29.98 11.52 -5.18
N PRO B 110 28.78 11.35 -4.60
CA PRO B 110 27.51 11.46 -5.32
C PRO B 110 27.17 12.91 -5.63
N ALA B 111 26.33 13.13 -6.63
CA ALA B 111 25.92 14.49 -7.00
C ALA B 111 24.97 15.06 -5.96
N LEU B 112 24.24 14.18 -5.31
CA LEU B 112 23.28 14.59 -4.28
C LEU B 112 23.12 13.46 -3.27
N THR B 113 23.05 13.83 -2.00
CA THR B 113 22.81 12.85 -0.95
C THR B 113 21.50 13.18 -0.28
N LEU B 114 20.57 12.23 -0.34
CA LEU B 114 19.22 12.42 0.17
C LEU B 114 19.05 11.59 1.46
N ILE B 115 18.80 12.26 2.58
CA ILE B 115 18.63 11.59 3.86
C ILE B 115 17.18 11.72 4.32
N PHE B 116 16.59 10.59 4.69
CA PHE B 116 15.20 10.55 5.14
C PHE B 116 15.13 10.25 6.63
N ASP B 117 14.14 10.82 7.30
CA ASP B 117 13.72 10.34 8.60
C ASP B 117 12.76 9.19 8.36
N ARG B 118 13.28 7.96 8.45
CA ARG B 118 12.53 6.71 8.24
C ARG B 118 12.28 6.33 6.79
N HIS B 119 12.14 5.02 6.59
CA HIS B 119 11.78 4.41 5.33
C HIS B 119 10.34 3.92 5.46
N PRO B 120 9.64 3.67 4.34
CA PRO B 120 8.28 3.11 4.44
C PRO B 120 8.10 1.80 5.26
N ILE B 121 9.06 0.88 5.30
CA ILE B 121 8.84 -0.32 6.13
C ILE B 121 8.60 -0.05 7.62
N ALA B 122 9.03 1.12 8.11
CA ALA B 122 8.76 1.46 9.49
C ALA B 122 7.26 1.51 9.78
N ALA B 123 6.49 2.03 8.84
CA ALA B 123 5.08 2.20 9.11
C ALA B 123 4.25 1.06 8.57
N LEU B 124 4.81 0.32 7.62
CA LEU B 124 4.07 -0.77 6.97
C LEU B 124 4.46 -2.14 7.48
N LEU B 125 5.50 -2.22 8.31
CA LEU B 125 5.94 -3.51 8.83
C LEU B 125 6.33 -3.45 10.31
N CYS B 126 7.33 -2.63 10.62
CA CYS B 126 7.94 -2.63 11.93
C CYS B 126 7.02 -2.20 13.06
N TYR B 127 6.47 -1.00 12.98
CA TYR B 127 5.54 -0.53 13.99
C TYR B 127 4.28 -1.35 14.12
N PRO B 128 3.63 -1.71 12.99
CA PRO B 128 2.49 -2.63 13.12
C PRO B 128 2.84 -3.98 13.76
N ALA B 129 3.99 -4.56 13.40
CA ALA B 129 4.39 -5.82 13.98
C ALA B 129 4.58 -5.68 15.49
N ALA B 130 5.17 -4.57 15.92
CA ALA B 130 5.33 -4.36 17.35
C ALA B 130 3.96 -4.26 18.04
N ARG B 131 3.03 -3.54 17.42
CA ARG B 131 1.67 -3.43 17.97
C ARG B 131 0.98 -4.79 18.01
N TYR B 132 1.30 -5.66 17.06
CA TYR B 132 0.80 -7.02 17.07
C TYR B 132 1.32 -7.76 18.31
N LEU B 133 2.61 -7.61 18.59
CA LEU B 133 3.20 -8.20 19.78
C LEU B 133 2.57 -7.64 21.03
N MET B 134 2.10 -6.39 20.95
CA MET B 134 1.40 -5.75 22.06
C MET B 134 -0.10 -6.05 22.11
N GLY B 135 -0.58 -6.95 21.28
CA GLY B 135 -1.97 -7.36 21.33
C GLY B 135 -2.97 -6.40 20.68
N SER B 136 -2.49 -5.33 20.05
CA SER B 136 -3.41 -4.34 19.50
C SER B 136 -3.49 -4.29 17.97
N MET B 137 -2.96 -5.30 17.29
CA MET B 137 -3.16 -5.48 15.86
C MET B 137 -3.27 -6.95 15.49
N THR B 138 -4.15 -7.28 14.54
CA THR B 138 -4.24 -8.65 14.06
C THR B 138 -3.07 -8.94 13.15
N PRO B 139 -2.62 -10.20 13.13
CA PRO B 139 -1.54 -10.58 12.20
C PRO B 139 -1.96 -10.46 10.72
N GLN B 140 -3.26 -10.59 10.43
CA GLN B 140 -3.74 -10.42 9.06
C GLN B 140 -3.48 -9.00 8.60
N ALA B 141 -3.81 -8.05 9.47
CA ALA B 141 -3.66 -6.64 9.13
C ALA B 141 -2.19 -6.36 8.85
N VAL B 142 -1.31 -6.96 9.62
CA VAL B 142 0.10 -6.69 9.49
C VAL B 142 0.54 -7.19 8.13
N LEU B 143 0.04 -8.38 7.78
CA LEU B 143 0.37 -8.94 6.49
C LEU B 143 -0.26 -8.13 5.35
N ALA B 144 -1.44 -7.57 5.59
CA ALA B 144 -2.02 -6.64 4.60
C ALA B 144 -1.17 -5.41 4.36
N PHE B 145 -0.46 -4.94 5.40
CA PHE B 145 0.43 -3.80 5.22
C PHE B 145 1.67 -4.26 4.46
N VAL B 146 2.15 -5.43 4.83
CA VAL B 146 3.34 -6.00 4.22
C VAL B 146 3.18 -6.13 2.69
N ALA B 147 2.00 -6.56 2.25
CA ALA B 147 1.68 -6.73 0.85
C ALA B 147 1.78 -5.42 0.05
N LEU B 148 1.63 -4.29 0.74
CA LEU B 148 1.65 -2.95 0.15
C LEU B 148 2.99 -2.23 0.27
N ILE B 149 4.01 -2.94 0.76
CA ILE B 149 5.37 -2.41 0.79
C ILE B 149 5.84 -2.11 -0.65
N PRO B 150 6.25 -0.86 -0.91
CA PRO B 150 6.70 -0.53 -2.26
C PRO B 150 7.91 -1.37 -2.66
N PRO B 151 8.10 -1.58 -3.98
CA PRO B 151 9.23 -2.38 -4.44
C PRO B 151 10.53 -1.77 -3.97
N THR B 152 11.53 -2.60 -3.76
CA THR B 152 12.82 -2.11 -3.30
C THR B 152 13.68 -1.63 -4.46
N LEU B 153 13.81 -0.33 -4.58
CA LEU B 153 14.62 0.26 -5.64
C LEU B 153 16.08 0.01 -5.34
N PRO B 154 16.95 0.12 -6.36
CA PRO B 154 18.38 0.01 -6.13
C PRO B 154 18.85 1.08 -5.13
N GLY B 155 19.98 0.83 -4.47
CA GLY B 155 20.55 1.81 -3.58
C GLY B 155 19.70 2.13 -2.36
N THR B 156 18.90 1.16 -1.92
CA THR B 156 18.08 1.36 -0.74
C THR B 156 18.90 1.08 0.52
N ASN B 157 19.51 2.14 1.06
CA ASN B 157 20.36 2.05 2.23
C ASN B 157 19.59 2.44 3.46
N ILE B 158 19.54 1.51 4.40
CA ILE B 158 18.81 1.71 5.63
C ILE B 158 19.75 1.64 6.83
N VAL B 159 19.76 2.71 7.62
CA VAL B 159 20.54 2.77 8.86
C VAL B 159 19.65 2.44 10.05
N LEU B 160 20.06 1.43 10.81
CA LEU B 160 19.35 1.02 12.00
C LEU B 160 20.25 1.28 13.22
N GLY B 161 19.67 1.40 14.41
CA GLY B 161 20.46 1.77 15.57
C GLY B 161 20.79 0.65 16.53
N ALA B 162 21.97 0.74 17.13
CA ALA B 162 22.33 -0.11 18.27
C ALA B 162 22.45 0.75 19.53
N LEU B 163 21.83 0.30 20.62
CA LEU B 163 21.88 0.99 21.90
C LEU B 163 21.40 0.02 22.97
N PRO B 164 22.14 -0.08 24.09
CA PRO B 164 21.73 -0.98 25.18
C PRO B 164 20.40 -0.49 25.76
N GLU B 165 19.50 -1.41 26.08
CA GLU B 165 18.15 -1.04 26.48
C GLU B 165 18.06 0.04 27.56
N ASP B 166 19.02 0.08 28.49
CA ASP B 166 18.93 1.00 29.62
C ASP B 166 19.14 2.45 29.20
N ARG B 167 20.23 2.68 28.46
CA ARG B 167 20.44 3.96 27.78
C ARG B 167 19.26 4.34 26.88
N HIS B 168 18.69 3.35 26.18
CA HIS B 168 17.55 3.61 25.31
C HIS B 168 16.33 4.09 26.08
N ILE B 169 15.98 3.39 27.15
CA ILE B 169 14.91 3.84 28.05
C ILE B 169 15.13 5.29 28.51
N ASP B 170 16.36 5.61 28.91
CA ASP B 170 16.71 6.94 29.39
C ASP B 170 16.51 8.03 28.36
N ARG B 171 17.04 7.81 27.15
CA ARG B 171 16.89 8.81 26.10
C ARG B 171 15.45 9.00 25.66
N LEU B 172 14.70 7.90 25.56
CA LEU B 172 13.30 7.98 25.16
C LEU B 172 12.47 8.76 26.20
N ALA B 173 12.84 8.58 27.47
CA ALA B 173 12.18 9.27 28.58
C ALA B 173 12.41 10.77 28.48
N LYS B 174 13.59 11.14 28.01
CA LYS B 174 13.97 12.54 27.91
C LYS B 174 13.42 13.25 26.67
N ARG B 175 12.75 12.50 25.79
CA ARG B 175 12.15 13.11 24.62
C ARG B 175 10.92 12.37 24.06
N GLN B 176 9.87 12.31 24.87
CA GLN B 176 8.57 11.85 24.42
C GLN B 176 8.03 12.84 23.40
N ARG B 177 7.22 12.35 22.46
CA ARG B 177 6.56 13.16 21.44
C ARG B 177 5.14 13.48 21.91
N PRO B 178 4.45 14.43 21.24
CA PRO B 178 3.14 14.81 21.76
C PRO B 178 2.15 13.67 21.80
N GLY B 179 1.60 13.41 22.99
CA GLY B 179 0.57 12.40 23.14
C GLY B 179 1.15 11.02 23.41
N GLU B 180 2.46 10.90 23.31
CA GLU B 180 3.14 9.64 23.55
C GLU B 180 3.08 9.29 25.04
N ARG B 181 2.93 8.02 25.36
CA ARG B 181 3.04 7.57 26.75
C ARG B 181 4.23 6.64 26.90
N LEU B 182 5.11 6.95 27.84
CA LEU B 182 6.26 6.11 28.13
C LEU B 182 5.78 4.69 28.49
N ASP B 183 6.18 3.71 27.69
CA ASP B 183 5.63 2.37 27.77
C ASP B 183 6.78 1.42 27.46
N LEU B 184 7.22 0.70 28.49
CA LEU B 184 8.37 -0.20 28.38
C LEU B 184 8.02 -1.49 27.65
N ALA B 185 6.75 -1.86 27.61
CA ALA B 185 6.38 -3.04 26.86
C ALA B 185 6.51 -2.71 25.36
N MET B 186 5.95 -1.58 24.94
N MET B 186 5.94 -1.59 24.96
CA MET B 186 6.12 -1.12 23.57
CA MET B 186 6.09 -1.10 23.60
C MET B 186 7.59 -1.00 23.22
C MET B 186 7.57 -0.95 23.20
N LEU B 187 8.37 -0.42 24.12
CA LEU B 187 9.79 -0.23 23.84
C LEU B 187 10.52 -1.55 23.57
N ALA B 188 10.23 -2.56 24.38
CA ALA B 188 10.82 -3.87 24.17
C ALA B 188 10.24 -4.52 22.89
N ALA B 189 8.95 -4.32 22.65
CA ALA B 189 8.34 -4.83 21.40
C ALA B 189 9.02 -4.28 20.15
N ILE B 190 9.24 -2.96 20.13
CA ILE B 190 9.76 -2.29 18.95
C ILE B 190 11.25 -2.58 18.77
N ARG B 191 11.97 -2.74 19.88
CA ARG B 191 13.38 -3.10 19.81
C ARG B 191 13.55 -4.51 19.26
N ARG B 192 12.67 -5.42 19.68
CA ARG B 192 12.75 -6.79 19.20
C ARG B 192 12.46 -6.86 17.69
N VAL B 193 11.42 -6.16 17.26
CA VAL B 193 11.05 -6.14 15.84
C VAL B 193 12.24 -5.68 15.00
N TYR B 194 12.93 -4.66 15.47
CA TYR B 194 14.06 -4.15 14.68
C TYR B 194 15.26 -5.09 14.71
N GLY B 195 15.45 -5.78 15.84
CA GLY B 195 16.48 -6.79 15.92
C GLY B 195 16.16 -7.94 14.98
N LEU B 196 14.93 -8.43 15.01
CA LEU B 196 14.51 -9.44 14.04
C LEU B 196 14.68 -8.94 12.61
N LEU B 197 14.35 -7.68 12.36
CA LEU B 197 14.51 -7.14 11.01
C LEU B 197 15.92 -7.34 10.51
N ALA B 198 16.88 -6.87 11.31
CA ALA B 198 18.29 -6.97 10.93
C ALA B 198 18.70 -8.41 10.64
N ASN B 199 18.25 -9.32 11.51
CA ASN B 199 18.52 -10.74 11.34
C ASN B 199 17.84 -11.30 10.10
N THR B 200 16.64 -10.82 9.81
CA THR B 200 15.89 -11.24 8.62
C THR B 200 16.68 -10.91 7.35
N VAL B 201 17.14 -9.67 7.22
CA VAL B 201 17.95 -9.30 6.06
C VAL B 201 19.19 -10.19 5.88
N ARG B 202 19.94 -10.43 6.94
CA ARG B 202 21.12 -11.33 6.87
C ARG B 202 20.77 -12.74 6.43
N TYR B 203 19.73 -13.29 7.04
CA TYR B 203 19.20 -14.62 6.71
C TYR B 203 18.92 -14.72 5.21
N LEU B 204 18.22 -13.71 4.70
CA LEU B 204 17.84 -13.69 3.31
C LEU B 204 19.06 -13.56 2.43
N GLN B 205 19.99 -12.70 2.86
CA GLN B 205 21.15 -12.38 2.06
C GLN B 205 22.17 -13.52 1.99
N CYS B 206 22.16 -14.37 3.01
CA CYS B 206 22.99 -15.57 3.00
C CYS B 206 22.23 -16.76 2.40
N GLY B 207 21.08 -16.48 1.78
CA GLY B 207 20.35 -17.50 1.04
C GLY B 207 19.31 -18.31 1.80
N GLY B 208 18.85 -17.80 2.94
CA GLY B 208 17.80 -18.47 3.67
C GLY B 208 16.51 -18.53 2.87
N SER B 209 15.76 -19.61 3.07
CA SER B 209 14.49 -19.77 2.37
C SER B 209 13.45 -20.11 3.40
N TRP B 210 12.52 -19.18 3.65
CA TRP B 210 11.58 -19.38 4.74
C TRP B 210 10.74 -20.66 4.55
N ARG B 211 10.34 -20.94 3.32
CA ARG B 211 9.57 -22.13 3.00
C ARG B 211 10.32 -23.40 3.38
N GLU B 212 11.61 -23.43 3.09
CA GLU B 212 12.44 -24.57 3.49
C GLU B 212 12.54 -24.73 5.02
N ASP B 213 12.88 -23.64 5.70
CA ASP B 213 13.18 -23.71 7.14
C ASP B 213 11.93 -23.63 8.01
N TRP B 214 10.76 -23.57 7.39
CA TRP B 214 9.50 -23.38 8.13
C TRP B 214 9.29 -24.48 9.15
N GLY B 215 9.67 -25.70 8.78
CA GLY B 215 9.58 -26.85 9.68
C GLY B 215 10.32 -26.64 10.99
N GLN B 216 11.41 -25.88 10.94
CA GLN B 216 12.21 -25.61 12.13
C GLN B 216 11.53 -24.67 13.13
N LEU B 217 10.31 -24.26 12.83
CA LEU B 217 9.49 -23.47 13.74
C LEU B 217 8.39 -24.37 14.31
N PRO B 235 25.62 -20.58 7.06
CA PRO B 235 26.04 -19.80 8.25
C PRO B 235 25.24 -18.51 8.33
N ARG B 236 24.01 -18.63 8.80
CA ARG B 236 23.09 -17.52 8.84
C ARG B 236 22.21 -17.69 10.08
N PRO B 237 21.43 -16.66 10.45
CA PRO B 237 20.57 -16.84 11.62
C PRO B 237 19.56 -17.99 11.48
N HIS B 238 19.02 -18.41 12.60
CA HIS B 238 17.99 -19.44 12.62
C HIS B 238 16.68 -18.73 12.34
N ILE B 239 15.80 -19.39 11.58
CA ILE B 239 14.53 -18.79 11.17
C ILE B 239 13.74 -18.30 12.38
N GLY B 240 14.02 -18.92 13.52
CA GLY B 240 13.40 -18.55 14.79
C GLY B 240 13.88 -17.21 15.33
N ASP B 241 15.00 -16.73 14.81
CA ASP B 241 15.43 -15.37 15.15
C ASP B 241 15.21 -14.39 14.00
N THR B 242 14.26 -14.67 13.12
CA THR B 242 13.90 -13.70 12.07
C THR B 242 12.46 -13.24 12.22
N LEU B 243 12.03 -12.34 11.36
CA LEU B 243 10.66 -11.85 11.44
C LEU B 243 9.66 -12.94 11.04
N PHE B 244 10.11 -13.94 10.29
CA PHE B 244 9.22 -15.03 9.89
C PHE B 244 8.59 -15.74 11.08
N THR B 245 9.30 -15.77 12.20
CA THR B 245 8.78 -16.43 13.40
C THR B 245 7.52 -15.75 13.96
N LEU B 246 7.38 -14.46 13.76
CA LEU B 246 6.18 -13.75 14.20
C LEU B 246 4.91 -14.24 13.51
N PHE B 247 5.05 -14.92 12.39
CA PHE B 247 3.88 -15.24 11.58
C PHE B 247 3.47 -16.72 11.64
N ARG B 248 3.91 -17.42 12.69
N ARG B 248 3.98 -17.40 12.65
CA ARG B 248 3.42 -18.77 12.96
CA ARG B 248 3.46 -18.70 13.03
C ARG B 248 2.05 -18.70 13.62
C ARG B 248 2.36 -18.41 14.05
N ALA B 249 1.49 -17.50 13.66
CA ALA B 249 0.26 -17.21 14.39
C ALA B 249 -0.91 -18.13 14.00
N PRO B 250 -1.70 -18.55 14.99
CA PRO B 250 -2.84 -19.43 14.73
C PRO B 250 -3.88 -18.85 13.76
N GLU B 251 -4.08 -17.54 13.76
CA GLU B 251 -5.02 -16.93 12.83
C GLU B 251 -4.69 -17.21 11.35
N LEU B 252 -3.42 -17.46 11.05
CA LEU B 252 -2.97 -17.60 9.67
C LEU B 252 -2.86 -19.04 9.22
N LEU B 253 -3.21 -19.98 10.08
CA LEU B 253 -2.94 -21.38 9.79
C LEU B 253 -4.20 -22.14 9.48
N ALA B 254 -4.11 -23.05 8.51
CA ALA B 254 -5.19 -23.98 8.23
C ALA B 254 -5.23 -25.02 9.35
N PRO B 255 -6.31 -25.81 9.45
CA PRO B 255 -6.38 -26.83 10.51
C PRO B 255 -5.26 -27.88 10.51
N ASN B 256 -4.50 -27.99 9.44
CA ASN B 256 -3.38 -28.94 9.41
C ASN B 256 -2.03 -28.34 9.73
N GLY B 257 -2.03 -27.06 10.13
CA GLY B 257 -0.79 -26.37 10.47
C GLY B 257 -0.13 -25.55 9.38
N ASP B 258 -0.59 -25.69 8.14
CA ASP B 258 0.05 -24.94 7.05
C ASP B 258 -0.44 -23.51 7.01
N LEU B 259 0.45 -22.58 6.64
CA LEU B 259 -0.01 -21.23 6.33
C LEU B 259 -0.95 -21.31 5.15
N TYR B 260 -2.06 -20.58 5.22
CA TYR B 260 -2.84 -20.34 4.00
C TYR B 260 -1.94 -19.72 2.94
N ASN B 261 -2.18 -20.06 1.69
CA ASN B 261 -1.35 -19.54 0.60
C ASN B 261 -1.31 -18.01 0.50
N VAL B 262 -2.44 -17.36 0.80
CA VAL B 262 -2.53 -15.92 0.78
C VAL B 262 -1.50 -15.24 1.72
N PHE B 263 -1.28 -15.81 2.92
CA PHE B 263 -0.30 -15.27 3.86
C PHE B 263 1.11 -15.68 3.48
N ALA B 264 1.24 -16.91 2.99
CA ALA B 264 2.51 -17.39 2.44
C ALA B 264 3.06 -16.44 1.38
N TRP B 265 2.18 -15.93 0.52
CA TRP B 265 2.59 -15.01 -0.54
C TRP B 265 3.06 -13.67 0.05
N ALA B 266 2.35 -13.19 1.07
CA ALA B 266 2.81 -12.01 1.79
C ALA B 266 4.22 -12.21 2.37
N LEU B 267 4.50 -13.40 2.88
CA LEU B 267 5.86 -13.72 3.31
C LEU B 267 6.89 -13.77 2.18
N ASP B 268 6.47 -14.17 0.97
CA ASP B 268 7.38 -14.10 -0.18
C ASP B 268 7.67 -12.65 -0.54
N VAL B 269 6.67 -11.80 -0.38
CA VAL B 269 6.82 -10.38 -0.65
C VAL B 269 7.79 -9.74 0.35
N LEU B 270 7.58 -10.07 1.63
CA LEU B 270 8.48 -9.61 2.68
C LEU B 270 9.90 -10.04 2.33
N ALA B 271 10.07 -11.31 1.98
CA ALA B 271 11.38 -11.82 1.57
C ALA B 271 12.01 -11.03 0.43
N LYS B 272 11.26 -10.83 -0.65
CA LYS B 272 11.77 -10.09 -1.80
C LYS B 272 12.15 -8.65 -1.44
N ARG B 273 11.30 -7.97 -0.67
CA ARG B 273 11.55 -6.58 -0.31
C ARG B 273 12.81 -6.43 0.54
N LEU B 274 12.95 -7.27 1.54
CA LEU B 274 14.00 -7.10 2.54
C LEU B 274 15.37 -7.55 2.04
N ARG B 275 15.38 -8.57 1.20
CA ARG B 275 16.63 -9.20 0.78
C ARG B 275 17.56 -8.21 0.07
N SER B 276 17.01 -7.31 -0.73
CA SER B 276 17.86 -6.39 -1.48
C SER B 276 18.08 -5.00 -0.81
N MET B 277 17.61 -4.82 0.41
CA MET B 277 17.95 -3.62 1.16
C MET B 277 19.36 -3.75 1.70
N HIS B 278 20.04 -2.61 1.86
CA HIS B 278 21.36 -2.60 2.47
C HIS B 278 21.33 -1.96 3.87
N VAL B 279 21.62 -2.77 4.88
CA VAL B 279 21.54 -2.36 6.28
C VAL B 279 22.89 -1.90 6.85
N PHE B 280 22.84 -0.81 7.59
CA PHE B 280 24.04 -0.30 8.25
C PHE B 280 23.63 -0.01 9.68
N ILE B 281 24.47 -0.43 10.62
CA ILE B 281 24.15 -0.27 12.03
C ILE B 281 24.90 0.93 12.61
N LEU B 282 24.14 1.87 13.18
CA LEU B 282 24.72 3.05 13.83
C LEU B 282 24.71 2.90 15.35
N ASP B 283 25.89 2.95 15.95
CA ASP B 283 26.02 2.90 17.41
C ASP B 283 25.62 4.25 18.00
N TYR B 284 24.52 4.27 18.73
CA TYR B 284 23.99 5.52 19.29
C TYR B 284 24.52 5.83 20.68
N ASP B 285 25.23 4.87 21.28
CA ASP B 285 25.82 5.01 22.61
C ASP B 285 27.03 5.92 22.59
N GLN B 286 26.83 7.16 22.21
CA GLN B 286 27.91 8.14 22.15
C GLN B 286 27.26 9.50 22.09
N SER B 287 28.08 10.54 22.01
CA SER B 287 27.60 11.91 21.91
C SER B 287 26.87 12.10 20.59
N PRO B 288 25.95 13.08 20.54
CA PRO B 288 25.26 13.38 19.29
C PRO B 288 26.23 13.70 18.15
N ALA B 289 27.42 14.16 18.50
CA ALA B 289 28.45 14.48 17.53
C ALA B 289 29.19 13.22 17.14
N GLY B 290 29.33 12.30 18.09
CA GLY B 290 29.89 11.01 17.81
C GLY B 290 29.02 10.26 16.83
N CYS B 291 27.72 10.33 17.04
CA CYS B 291 26.74 9.70 16.17
C CYS B 291 26.84 10.26 14.76
N ARG B 292 26.95 11.59 14.66
CA ARG B 292 27.06 12.27 13.37
C ARG B 292 28.26 11.80 12.56
N ASP B 293 29.42 11.70 13.22
CA ASP B 293 30.64 11.27 12.54
C ASP B 293 30.49 9.84 12.08
N ALA B 294 29.98 9.00 12.98
CA ALA B 294 29.75 7.60 12.69
C ALA B 294 28.87 7.42 11.45
N LEU B 295 27.75 8.12 11.42
CA LEU B 295 26.85 8.09 10.28
C LEU B 295 27.58 8.46 9.01
N LEU B 296 28.49 9.43 9.12
CA LEU B 296 29.21 9.94 7.97
C LEU B 296 30.15 8.88 7.40
N GLN B 297 30.82 8.15 8.29
CA GLN B 297 31.77 7.14 7.85
C GLN B 297 31.06 5.92 7.30
N LEU B 298 29.84 5.70 7.81
CA LEU B 298 28.97 4.65 7.35
C LEU B 298 28.62 4.80 5.86
N THR B 299 28.79 5.99 5.31
CA THR B 299 28.35 6.25 3.93
C THR B 299 29.24 5.69 2.83
N SER B 300 30.48 5.36 3.16
CA SER B 300 31.44 4.84 2.18
CA SER B 300 31.42 4.85 2.17
C SER B 300 31.00 3.47 1.65
N GLY B 301 30.30 2.72 2.48
CA GLY B 301 29.81 1.41 2.07
C GLY B 301 28.42 1.40 1.45
N MET B 302 27.76 2.55 1.41
CA MET B 302 26.39 2.61 0.89
C MET B 302 26.37 2.59 -0.61
N VAL B 303 25.27 2.14 -1.20
CA VAL B 303 25.20 1.94 -2.64
C VAL B 303 24.55 3.14 -3.30
N GLN B 304 25.21 3.68 -4.33
CA GLN B 304 24.68 4.81 -5.09
C GLN B 304 23.95 4.35 -6.34
N THR B 305 23.08 5.20 -6.85
CA THR B 305 22.46 4.95 -8.16
C THR B 305 22.57 6.17 -9.06
N HIS B 306 22.31 5.96 -10.35
CA HIS B 306 22.09 7.07 -11.26
C HIS B 306 20.66 7.56 -11.14
N VAL B 307 20.43 8.85 -11.34
CA VAL B 307 19.06 9.33 -11.54
C VAL B 307 18.67 9.01 -12.98
N THR B 308 17.45 9.34 -13.37
CA THR B 308 16.96 8.96 -14.70
C THR B 308 16.87 10.15 -15.67
N THR B 309 16.71 11.37 -15.15
CA THR B 309 16.64 12.55 -16.01
C THR B 309 17.42 13.74 -15.44
N PRO B 310 18.05 14.53 -16.33
CA PRO B 310 18.86 15.70 -15.96
C PRO B 310 18.14 16.66 -15.00
N GLY B 311 16.82 16.62 -14.98
CA GLY B 311 16.07 17.45 -14.06
C GLY B 311 15.63 16.72 -12.80
N SER B 312 16.06 15.47 -12.65
CA SER B 312 15.73 14.72 -11.43
C SER B 312 16.32 15.39 -10.18
N ILE B 313 17.62 15.69 -10.20
CA ILE B 313 18.28 16.29 -9.04
C ILE B 313 17.60 17.55 -8.48
N PRO B 314 17.24 18.52 -9.35
CA PRO B 314 16.54 19.67 -8.78
C PRO B 314 15.08 19.36 -8.40
N THR B 315 14.45 18.45 -9.14
CA THR B 315 13.11 18.00 -8.78
C THR B 315 13.10 17.37 -7.39
N ILE B 316 14.09 16.51 -7.14
CA ILE B 316 14.28 15.90 -5.81
C ILE B 316 14.53 16.92 -4.68
N CYS B 317 15.40 17.89 -4.95
CA CYS B 317 15.69 18.95 -3.98
C CYS B 317 14.46 19.74 -3.58
N ASP B 318 13.63 20.06 -4.58
CA ASP B 318 12.43 20.85 -4.33
C ASP B 318 11.38 20.05 -3.56
N LEU B 319 11.28 18.76 -3.90
CA LEU B 319 10.44 17.81 -3.18
C LEU B 319 10.84 17.83 -1.70
N ALA B 320 12.13 17.68 -1.44
CA ALA B 320 12.62 17.58 -0.07
C ALA B 320 12.32 18.85 0.73
N ARG B 321 12.60 20.00 0.15
CA ARG B 321 12.39 21.26 0.86
C ARG B 321 10.90 21.53 1.07
N THR B 322 10.11 21.20 0.06
CA THR B 322 8.65 21.31 0.13
C THR B 322 8.05 20.44 1.22
N PHE B 323 8.51 19.19 1.28
CA PHE B 323 8.13 18.27 2.35
C PHE B 323 8.46 18.90 3.71
N ALA B 324 9.73 19.29 3.88
CA ALA B 324 10.20 19.84 5.15
C ALA B 324 9.39 21.06 5.55
N ARG B 325 9.19 21.96 4.59
CA ARG B 325 8.53 23.22 4.86
C ARG B 325 7.12 22.96 5.37
N GLU B 326 6.46 21.98 4.79
CA GLU B 326 5.04 21.76 5.03
C GLU B 326 4.76 20.83 6.21
N MET B 327 5.54 19.77 6.33
CA MET B 327 5.22 18.74 7.33
C MET B 327 6.23 18.61 8.46
N GLY B 328 7.35 19.33 8.34
CA GLY B 328 8.30 19.46 9.43
C GLY B 328 7.66 20.20 10.59
N GLU B 329 8.20 20.00 11.79
CA GLU B 329 7.68 20.66 12.98
C GLU B 329 8.01 22.15 12.93
#